data_9ELY
#
_entry.id   9ELY
#
_entity_poly.entity_id   1
_entity_poly.type   'polyribonucleotide'
_entity_poly.pdbx_seq_one_letter_code
;GGUUAAGUUAGGUUUGUGGUUGAAAGUCGAUGCCAGUCGCAGGCAAAACGAUCCACGUAAGUUAAACAAAGUUUUAAUGA
GCAUGGUGCGGCUUAGAAGUAAGUCCUGCCGCUUUAGGCGAGAGUAUUAGUAGUGAGAGGGUAAUUCCGGGUAGCGAAAC
UUCCAGCAGGCGAGUGUGGGGUCAAAGACCAGGUCAACUAACUUA
;
_entity_poly.pdbx_strand_id   A
#
loop_
_chem_comp.id
_chem_comp.type
_chem_comp.name
_chem_comp.formula
A RNA linking ADENOSINE-5'-MONOPHOSPHATE 'C10 H14 N5 O7 P'
C RNA linking CYTIDINE-5'-MONOPHOSPHATE 'C9 H14 N3 O8 P'
G RNA linking GUANOSINE-5'-MONOPHOSPHATE 'C10 H14 N5 O8 P'
U RNA linking URIDINE-5'-MONOPHOSPHATE 'C9 H13 N2 O9 P'
#